data_6G0C
#
_entry.id   6G0C
#
_cell.length_a   70.721
_cell.length_b   80.824
_cell.length_c   86.518
_cell.angle_alpha   90.00
_cell.angle_beta   110.57
_cell.angle_gamma   90.00
#
_symmetry.space_group_name_H-M   'P 1 21 1'
#
loop_
_entity.id
_entity.type
_entity.pdbx_description
1 polymer 'Ubiquitinating/deubiquitinating enzyme SdeA'
2 non-polymer 3-PYRIDINIUM-1-YLPROPANE-1-SULFONATE
3 non-polymer 1,2-ETHANEDIOL
#
_entity_poly.entity_id   1
_entity_poly.type   'polypeptide(L)'
_entity_poly.pdbx_seq_one_letter_code
;EMSVKPTAPQDKSVPVWNGFSLYTDDTVKAAAQYAYDNYLGKPYTGSVESAPANFGGRMVYRQHHGLSHTLRTMAYAELI
VEEARKAKLRGETLGKFKDGRTIADVTPQELKKIMIAQAFFVAGRDDEASDAKNYQKYHEQSRDAFLKYVKDNESTLIPD
VFKDQEDVNFYARVIEDKSHDWESTPAHVLINQGHMVDLVRVKQPPESFLQRYFSSMQRWIGSQATEAVFGIQRQFFHAT
YEVVAGFDSDNKEPHLVVSGLGRYVIGEDGQPIREAPKKGQKEGDLKVFPQTYKLKENERLMRVDEFLKLPEIQNTFPGS
GKHLQGGMPGMNEMDYWNRLNSLNRARCENDVDFCLKQLQTAHDKAKIEPIKQAFQSSKGKERRQPNVDEIAAARIIQQI
LANPDCIHDDHVLINGQKLEQQFFRDLLAKCEMAVVGSLLNDTDIGNIDTLMRHEKDTEFHSTNPEAVPVKIGEYWINDQ
RINNSSGNITQKKHDLIFLMQNDAWYFSRVNAIAQNRDKGSTFKEVLITTLMTPLTSKALVDTSQAKPPTRLFRGLNLSE
EFTKGLIDQANAMIANTTERLFTDHSPEAFKQIKLNDLSKMSGRTNASTTTEIKLVKETWDSNVIFEMLDPDGLLHSKQV
GRHGEGTESEFSVYLPEDVALVPVKVTLDGKTQKGENRYVFTFVAVKSPDFTPRH
;
_entity_poly.pdbx_strand_id   A
#
# COMPACT_ATOMS: atom_id res chain seq x y z
N GLN A 10 4.28 31.76 -10.76
CA GLN A 10 4.07 32.88 -9.84
C GLN A 10 4.58 32.53 -8.44
N ASP A 11 4.30 33.40 -7.48
CA ASP A 11 4.76 33.19 -6.11
C ASP A 11 4.35 31.81 -5.60
N LYS A 12 3.14 31.37 -5.94
CA LYS A 12 2.65 30.06 -5.51
C LYS A 12 1.75 29.47 -6.57
N SER A 13 2.15 29.58 -7.85
CA SER A 13 1.36 29.11 -8.97
C SER A 13 2.11 27.99 -9.66
N VAL A 14 1.46 26.83 -9.78
CA VAL A 14 2.05 25.67 -10.44
C VAL A 14 1.07 25.15 -11.49
N PRO A 15 1.51 24.84 -12.71
CA PRO A 15 0.57 24.33 -13.72
C PRO A 15 -0.02 22.99 -13.30
N VAL A 16 -1.21 22.71 -13.84
CA VAL A 16 -1.88 21.44 -13.53
C VAL A 16 -1.08 20.29 -14.12
N TRP A 17 -1.12 19.15 -13.43
CA TRP A 17 -0.43 17.97 -13.90
C TRP A 17 -1.22 17.26 -14.99
N ASN A 18 -0.51 16.66 -15.94
CA ASN A 18 -1.12 16.04 -17.10
C ASN A 18 -1.34 14.54 -16.94
N GLY A 19 -1.36 14.05 -15.70
CA GLY A 19 -1.65 12.65 -15.44
C GLY A 19 -0.50 11.70 -15.70
N PHE A 20 0.67 12.19 -16.08
CA PHE A 20 1.82 11.31 -16.24
C PHE A 20 2.22 10.73 -14.89
N SER A 21 2.51 9.44 -14.89
CA SER A 21 2.96 8.77 -13.67
C SER A 21 3.90 7.63 -14.04
N LEU A 22 4.80 7.30 -13.11
CA LEU A 22 5.68 6.17 -13.30
C LEU A 22 4.90 4.90 -13.57
N TYR A 23 3.80 4.70 -12.83
CA TYR A 23 3.10 3.43 -12.83
C TYR A 23 2.17 3.25 -14.02
N THR A 24 1.80 4.35 -14.69
CA THR A 24 0.84 4.30 -15.78
C THR A 24 1.47 4.50 -17.16
N ASP A 25 2.62 5.18 -17.23
CA ASP A 25 3.23 5.45 -18.52
C ASP A 25 3.87 4.18 -19.08
N ASP A 26 3.53 3.86 -20.33
CA ASP A 26 4.03 2.65 -20.98
C ASP A 26 5.47 2.80 -21.44
N THR A 27 5.90 4.02 -21.80
CA THR A 27 7.25 4.22 -22.29
C THR A 27 8.28 4.03 -21.18
N VAL A 28 8.02 4.62 -20.01
CA VAL A 28 8.91 4.42 -18.85
C VAL A 28 8.95 2.94 -18.47
N LYS A 29 7.79 2.28 -18.50
CA LYS A 29 7.72 0.86 -18.19
C LYS A 29 8.59 0.06 -19.17
N ALA A 30 8.47 0.36 -20.46
CA ALA A 30 9.25 -0.36 -21.46
C ALA A 30 10.74 -0.11 -21.27
N ALA A 31 11.12 1.10 -20.86
CA ALA A 31 12.52 1.38 -20.57
C ALA A 31 13.02 0.52 -19.42
N ALA A 32 12.26 0.48 -18.32
CA ALA A 32 12.64 -0.37 -17.19
C ALA A 32 12.76 -1.83 -17.62
N GLN A 33 11.83 -2.29 -18.46
CA GLN A 33 11.87 -3.68 -18.91
C GLN A 33 13.12 -3.96 -19.73
N TYR A 34 13.39 -3.09 -20.72
CA TYR A 34 14.61 -3.24 -21.51
C TYR A 34 15.85 -3.24 -20.63
N ALA A 35 15.82 -2.49 -19.53
CA ALA A 35 16.97 -2.50 -18.63
C ALA A 35 17.05 -3.80 -17.84
N TYR A 36 15.91 -4.41 -17.50
CA TYR A 36 15.96 -5.67 -16.78
C TYR A 36 16.25 -6.85 -17.71
N ASP A 37 15.74 -6.80 -18.94
CA ASP A 37 15.97 -7.90 -19.88
C ASP A 37 17.41 -7.95 -20.38
N ASN A 38 18.19 -6.91 -20.17
CA ASN A 38 19.53 -6.83 -20.77
C ASN A 38 20.66 -6.49 -19.81
N TYR A 39 20.38 -5.86 -18.66
CA TYR A 39 21.45 -5.45 -17.75
C TYR A 39 21.14 -5.89 -16.33
N LEU A 40 20.25 -5.20 -15.64
CA LEU A 40 19.77 -5.68 -14.35
C LEU A 40 19.20 -7.10 -14.53
N GLY A 41 19.19 -7.86 -13.44
CA GLY A 41 18.71 -9.22 -13.49
C GLY A 41 19.63 -10.20 -14.18
N LYS A 42 20.65 -9.73 -14.92
CA LYS A 42 21.70 -10.59 -15.41
C LYS A 42 22.81 -10.70 -14.38
N PRO A 43 23.40 -11.87 -14.18
CA PRO A 43 24.39 -12.03 -13.11
C PRO A 43 25.56 -11.07 -13.28
N TYR A 44 25.97 -10.46 -12.17
CA TYR A 44 27.17 -9.65 -12.16
C TYR A 44 28.35 -10.41 -12.76
N THR A 45 29.09 -9.75 -13.63
CA THR A 45 30.27 -10.35 -14.25
C THR A 45 31.56 -10.05 -13.50
N GLY A 46 31.50 -9.25 -12.44
CA GLY A 46 32.66 -8.91 -11.64
C GLY A 46 32.92 -9.89 -10.54
N SER A 47 33.57 -9.42 -9.47
CA SER A 47 33.97 -10.28 -8.36
C SER A 47 33.69 -9.70 -6.99
N VAL A 48 33.28 -8.44 -6.88
CA VAL A 48 33.10 -7.78 -5.60
C VAL A 48 31.64 -7.93 -5.17
N GLU A 49 31.39 -8.77 -4.17
CA GLU A 49 30.04 -8.97 -3.64
C GLU A 49 29.05 -9.21 -4.77
N SER A 50 29.49 -9.97 -5.78
CA SER A 50 28.73 -10.17 -7.00
C SER A 50 27.98 -11.49 -7.02
N ALA A 51 27.79 -12.12 -5.87
CA ALA A 51 27.14 -13.42 -5.84
C ALA A 51 25.63 -13.26 -5.70
N PRO A 52 24.82 -14.01 -6.46
CA PRO A 52 23.37 -13.86 -6.36
C PRO A 52 22.84 -14.31 -5.01
N ALA A 53 21.94 -13.51 -4.45
CA ALA A 53 21.25 -13.86 -3.22
C ALA A 53 20.05 -14.75 -3.54
N ASN A 54 19.41 -15.24 -2.48
CA ASN A 54 18.34 -16.23 -2.60
C ASN A 54 17.26 -15.92 -1.59
N PHE A 55 16.04 -15.66 -2.06
CA PHE A 55 14.89 -15.37 -1.21
C PHE A 55 13.79 -16.36 -1.52
N GLY A 56 13.31 -17.06 -0.49
CA GLY A 56 12.25 -18.03 -0.66
C GLY A 56 12.55 -19.04 -1.74
N GLY A 57 13.83 -19.35 -1.94
CA GLY A 57 14.25 -20.33 -2.92
C GLY A 57 14.55 -19.77 -4.30
N ARG A 58 14.22 -18.51 -4.56
CA ARG A 58 14.38 -17.92 -5.88
C ARG A 58 15.56 -16.95 -5.87
N MET A 59 16.28 -16.91 -6.98
CA MET A 59 17.52 -16.15 -7.06
C MET A 59 17.26 -14.68 -7.42
N VAL A 60 18.09 -13.82 -6.85
CA VAL A 60 18.10 -12.39 -7.14
C VAL A 60 19.56 -12.00 -7.33
N TYR A 61 19.93 -11.64 -8.55
CA TYR A 61 21.34 -11.48 -8.89
C TYR A 61 21.91 -10.11 -8.54
N ARG A 62 21.06 -9.11 -8.28
CA ARG A 62 21.52 -7.76 -7.94
C ARG A 62 20.62 -7.21 -6.84
N GLN A 63 20.83 -7.70 -5.61
CA GLN A 63 20.00 -7.27 -4.49
C GLN A 63 20.20 -5.79 -4.21
N HIS A 64 21.44 -5.31 -4.28
CA HIS A 64 21.72 -3.87 -4.24
C HIS A 64 22.02 -3.43 -5.67
N HIS A 65 21.43 -2.30 -6.06
CA HIS A 65 21.55 -1.79 -7.43
C HIS A 65 20.84 -2.71 -8.42
N GLY A 66 19.66 -3.20 -8.03
CA GLY A 66 18.85 -4.06 -8.87
C GLY A 66 17.61 -3.36 -9.38
N LEU A 67 16.64 -4.18 -9.81
CA LEU A 67 15.41 -3.63 -10.35
C LEU A 67 14.64 -2.86 -9.29
N SER A 68 14.51 -3.43 -8.09
CA SER A 68 13.78 -2.75 -7.03
C SER A 68 14.40 -1.39 -6.74
N HIS A 69 15.73 -1.33 -6.67
CA HIS A 69 16.40 -0.06 -6.40
C HIS A 69 16.12 0.97 -7.48
N THR A 70 16.21 0.57 -8.74
CA THR A 70 15.97 1.48 -9.85
C THR A 70 14.53 2.01 -9.83
N LEU A 71 13.56 1.10 -9.74
CA LEU A 71 12.18 1.53 -9.65
C LEU A 71 11.94 2.41 -8.44
N ARG A 72 12.66 2.17 -7.34
CA ARG A 72 12.49 3.01 -6.17
C ARG A 72 13.03 4.41 -6.40
N THR A 73 14.16 4.53 -7.11
CA THR A 73 14.68 5.85 -7.44
C THR A 73 13.70 6.62 -8.31
N MET A 74 13.05 5.93 -9.25
CA MET A 74 12.06 6.59 -10.09
C MET A 74 10.84 7.02 -9.29
N ALA A 75 10.35 6.13 -8.41
CA ALA A 75 9.28 6.50 -7.50
C ALA A 75 9.68 7.71 -6.66
N TYR A 76 10.94 7.75 -6.22
CA TYR A 76 11.41 8.90 -5.45
C TYR A 76 11.33 10.17 -6.28
N ALA A 77 11.72 10.11 -7.55
CA ALA A 77 11.61 11.30 -8.39
C ALA A 77 10.17 11.82 -8.42
N GLU A 78 9.21 10.93 -8.70
CA GLU A 78 7.81 11.33 -8.71
C GLU A 78 7.40 11.94 -7.36
N LEU A 79 7.83 11.30 -6.27
CA LEU A 79 7.48 11.75 -4.93
C LEU A 79 8.04 13.13 -4.65
N ILE A 80 9.30 13.36 -4.99
CA ILE A 80 9.94 14.64 -4.75
C ILE A 80 9.17 15.74 -5.49
N VAL A 81 8.83 15.50 -6.75
CA VAL A 81 8.17 16.55 -7.51
C VAL A 81 6.79 16.84 -6.93
N GLU A 82 6.02 15.80 -6.62
CA GLU A 82 4.73 16.01 -5.99
C GLU A 82 4.86 16.86 -4.72
N GLU A 83 5.79 16.50 -3.85
CA GLU A 83 5.91 17.20 -2.57
C GLU A 83 6.46 18.61 -2.73
N ALA A 84 7.31 18.84 -3.73
CA ALA A 84 7.83 20.18 -3.96
C ALA A 84 6.76 21.10 -4.51
N ARG A 85 5.93 20.60 -5.43
CA ARG A 85 4.79 21.38 -5.89
C ARG A 85 3.85 21.68 -4.72
N LYS A 86 3.62 20.68 -3.85
CA LYS A 86 2.78 20.92 -2.68
C LYS A 86 3.38 21.98 -1.77
N ALA A 87 4.71 22.02 -1.65
CA ALA A 87 5.35 23.03 -0.81
C ALA A 87 5.20 24.42 -1.42
N LYS A 88 5.47 24.54 -2.73
CA LYS A 88 5.29 25.83 -3.39
C LYS A 88 3.85 26.31 -3.27
N LEU A 89 2.88 25.38 -3.27
CA LEU A 89 1.49 25.78 -3.08
C LEU A 89 1.21 26.17 -1.64
N ARG A 90 1.86 25.51 -0.68
CA ARG A 90 1.78 25.93 0.72
C ARG A 90 2.35 27.32 0.94
N GLY A 91 3.09 27.85 -0.03
CA GLY A 91 3.70 29.15 0.07
C GLY A 91 5.18 29.12 0.40
N GLU A 92 5.68 28.00 0.90
CA GLU A 92 7.07 27.90 1.32
C GLU A 92 8.00 28.21 0.15
N THR A 93 9.17 28.77 0.48
CA THR A 93 10.19 29.06 -0.50
C THR A 93 11.09 27.84 -0.68
N LEU A 94 11.43 27.54 -1.93
CA LEU A 94 12.22 26.36 -2.27
C LEU A 94 13.59 26.77 -2.78
N GLY A 95 14.54 25.83 -2.70
CA GLY A 95 15.84 26.04 -3.28
C GLY A 95 15.75 26.16 -4.78
N LYS A 96 16.57 27.04 -5.34
CA LYS A 96 16.54 27.35 -6.77
C LYS A 96 17.82 26.89 -7.44
N PHE A 97 17.69 26.35 -8.65
CA PHE A 97 18.84 26.11 -9.49
C PHE A 97 19.44 27.44 -9.94
N LYS A 98 20.47 27.39 -10.78
CA LYS A 98 21.00 28.61 -11.37
C LYS A 98 20.05 29.20 -12.40
N ASP A 99 19.14 28.38 -12.95
CA ASP A 99 18.08 28.90 -13.80
C ASP A 99 17.17 29.87 -13.06
N GLY A 100 17.12 29.77 -11.74
CA GLY A 100 16.10 30.45 -10.96
C GLY A 100 14.87 29.60 -10.69
N ARG A 101 14.77 28.42 -11.30
CA ARG A 101 13.66 27.52 -11.07
C ARG A 101 13.91 26.67 -9.83
N THR A 102 12.82 26.16 -9.27
CA THR A 102 12.87 25.18 -8.19
C THR A 102 12.42 23.82 -8.72
N ILE A 103 12.36 22.83 -7.83
CA ILE A 103 11.88 21.52 -8.23
C ILE A 103 10.41 21.60 -8.65
N ALA A 104 9.62 22.45 -7.98
CA ALA A 104 8.20 22.57 -8.28
C ALA A 104 7.95 23.07 -9.70
N ASP A 105 8.96 23.55 -10.40
CA ASP A 105 8.81 24.05 -11.77
C ASP A 105 9.19 23.00 -12.81
N VAL A 106 9.28 21.73 -12.42
CA VAL A 106 9.64 20.66 -13.36
C VAL A 106 8.37 20.13 -14.01
N THR A 107 8.42 19.97 -15.33
CA THR A 107 7.26 19.59 -16.13
C THR A 107 7.26 18.09 -16.38
N PRO A 108 6.08 17.47 -16.54
CA PRO A 108 6.07 16.02 -16.80
C PRO A 108 6.90 15.61 -17.99
N GLN A 109 7.00 16.46 -19.02
CA GLN A 109 7.88 16.16 -20.14
C GLN A 109 9.31 15.95 -19.67
N GLU A 110 9.73 16.66 -18.62
CA GLU A 110 11.08 16.52 -18.09
C GLU A 110 11.19 15.32 -17.16
N LEU A 111 10.20 15.12 -16.29
CA LEU A 111 10.22 13.98 -15.36
C LEU A 111 10.24 12.66 -16.11
N LYS A 112 9.54 12.58 -17.26
CA LYS A 112 9.55 11.37 -18.05
C LYS A 112 10.96 11.03 -18.53
N LYS A 113 11.63 12.02 -19.14
CA LYS A 113 13.02 11.82 -19.57
C LYS A 113 13.91 11.45 -18.40
N ILE A 114 13.71 12.12 -17.25
CA ILE A 114 14.49 11.81 -16.06
C ILE A 114 14.32 10.34 -15.68
N MET A 115 13.10 9.83 -15.75
CA MET A 115 12.86 8.44 -15.37
C MET A 115 13.47 7.48 -16.38
N ILE A 116 13.35 7.78 -17.67
CA ILE A 116 14.00 6.95 -18.68
C ILE A 116 15.49 6.84 -18.37
N ALA A 117 16.11 7.97 -18.05
CA ALA A 117 17.54 7.96 -17.70
C ALA A 117 17.78 7.16 -16.42
N GLN A 118 16.99 7.43 -15.38
CA GLN A 118 17.12 6.71 -14.11
C GLN A 118 17.15 5.21 -14.33
N ALA A 119 16.36 4.72 -15.28
CA ALA A 119 16.27 3.27 -15.47
C ALA A 119 17.63 2.65 -15.77
N PHE A 120 18.56 3.42 -16.34
CA PHE A 120 19.86 2.90 -16.74
C PHE A 120 21.00 3.37 -15.84
N PHE A 121 20.70 4.05 -14.74
CA PHE A 121 21.75 4.69 -13.96
C PHE A 121 22.80 3.69 -13.49
N VAL A 122 22.37 2.53 -13.02
CA VAL A 122 23.27 1.49 -12.54
C VAL A 122 23.27 0.27 -13.45
N ALA A 123 22.75 0.41 -14.67
CA ALA A 123 22.68 -0.73 -15.58
C ALA A 123 24.06 -1.16 -16.04
N GLY A 124 25.01 -0.24 -16.10
CA GLY A 124 26.35 -0.53 -16.56
C GLY A 124 27.28 -1.10 -15.53
N ARG A 125 26.78 -1.43 -14.33
CA ARG A 125 27.64 -1.99 -13.30
C ARG A 125 27.98 -3.45 -13.60
N ASP A 126 29.14 -3.88 -13.12
CA ASP A 126 29.58 -5.27 -13.25
C ASP A 126 29.68 -5.97 -11.90
N ASP A 127 29.84 -5.24 -10.81
CA ASP A 127 29.80 -5.77 -9.46
C ASP A 127 29.45 -4.60 -8.54
N GLU A 128 29.69 -4.77 -7.23
CA GLU A 128 29.45 -3.72 -6.26
C GLU A 128 30.75 -3.17 -5.70
N ALA A 129 31.71 -2.93 -6.58
CA ALA A 129 32.93 -2.24 -6.21
C ALA A 129 32.64 -0.79 -5.85
N SER A 130 33.50 -0.22 -4.99
CA SER A 130 33.30 1.13 -4.50
C SER A 130 34.39 2.10 -4.91
N ASP A 131 35.41 1.65 -5.63
CA ASP A 131 36.50 2.54 -6.00
C ASP A 131 36.03 3.54 -7.07
N ALA A 132 36.81 4.61 -7.23
CA ALA A 132 36.43 5.67 -8.15
C ALA A 132 36.63 5.26 -9.60
N LYS A 133 37.73 4.57 -9.89
CA LYS A 133 38.00 4.14 -11.27
C LYS A 133 36.88 3.26 -11.79
N ASN A 134 36.49 2.24 -11.02
CA ASN A 134 35.41 1.36 -11.44
C ASN A 134 34.07 2.09 -11.48
N TYR A 135 33.84 3.04 -10.58
CA TYR A 135 32.62 3.84 -10.65
C TYR A 135 32.55 4.57 -11.99
N GLN A 136 33.64 5.22 -12.38
CA GLN A 136 33.68 5.91 -13.66
C GLN A 136 33.42 4.95 -14.81
N LYS A 137 34.12 3.82 -14.82
CA LYS A 137 33.91 2.81 -15.86
C LYS A 137 32.44 2.38 -15.93
N TYR A 138 31.87 2.06 -14.77
CA TYR A 138 30.52 1.51 -14.73
C TYR A 138 29.49 2.54 -15.19
N HIS A 139 29.67 3.81 -14.83
CA HIS A 139 28.69 4.80 -15.26
C HIS A 139 28.88 5.20 -16.72
N GLU A 140 30.11 5.10 -17.24
CA GLU A 140 30.28 5.19 -18.69
C GLU A 140 29.52 4.07 -19.39
N GLN A 141 29.57 2.86 -18.84
CA GLN A 141 28.84 1.75 -19.45
C GLN A 141 27.33 1.93 -19.32
N SER A 142 26.88 2.49 -18.20
CA SER A 142 25.46 2.83 -18.06
C SER A 142 25.04 3.84 -19.12
N ARG A 143 25.86 4.86 -19.35
CA ARG A 143 25.61 5.80 -20.43
C ARG A 143 25.50 5.09 -21.77
N ASP A 144 26.45 4.18 -22.04
CA ASP A 144 26.43 3.45 -23.30
C ASP A 144 25.14 2.65 -23.44
N ALA A 145 24.66 2.07 -22.34
CA ALA A 145 23.42 1.31 -22.39
C ALA A 145 22.23 2.22 -22.70
N PHE A 146 22.15 3.37 -22.03
CA PHE A 146 21.08 4.32 -22.29
C PHE A 146 21.07 4.74 -23.77
N LEU A 147 22.26 5.09 -24.29
CA LEU A 147 22.35 5.51 -25.68
C LEU A 147 21.99 4.37 -26.62
N LYS A 148 22.38 3.14 -26.28
CA LYS A 148 21.96 1.97 -27.03
C LYS A 148 20.44 1.91 -27.13
N TYR A 149 19.76 2.04 -25.99
CA TYR A 149 18.30 1.97 -25.97
C TYR A 149 17.70 3.04 -26.88
N VAL A 150 18.06 4.30 -26.67
CA VAL A 150 17.44 5.38 -27.44
C VAL A 150 17.77 5.27 -28.93
N LYS A 151 18.98 4.79 -29.27
CA LYS A 151 19.33 4.66 -30.67
C LYS A 151 18.56 3.52 -31.32
N ASP A 152 18.36 2.42 -30.59
CA ASP A 152 17.59 1.31 -31.13
C ASP A 152 16.09 1.61 -31.18
N ASN A 153 15.63 2.64 -30.49
CA ASN A 153 14.22 3.00 -30.51
C ASN A 153 14.04 4.51 -30.64
N GLU A 154 14.68 5.11 -31.66
CA GLU A 154 14.57 6.55 -31.85
C GLU A 154 13.33 6.96 -32.62
N SER A 155 12.72 6.07 -33.38
CA SER A 155 11.48 6.42 -34.09
C SER A 155 10.34 6.68 -33.12
N THR A 156 10.39 6.07 -31.94
CA THR A 156 9.34 6.22 -30.94
C THR A 156 9.69 7.21 -29.83
N LEU A 157 10.92 7.71 -29.80
CA LEU A 157 11.40 8.49 -28.65
C LEU A 157 11.91 9.86 -29.04
N ILE A 158 12.79 9.96 -30.05
CA ILE A 158 13.50 11.21 -30.30
C ILE A 158 12.57 12.39 -30.51
N PRO A 159 11.46 12.27 -31.26
CA PRO A 159 10.60 13.44 -31.43
C PRO A 159 9.63 13.65 -30.27
N ASP A 160 9.08 12.56 -29.74
CA ASP A 160 7.96 12.67 -28.81
C ASP A 160 8.42 12.94 -27.37
N VAL A 161 9.18 12.00 -26.80
CA VAL A 161 9.57 12.14 -25.39
C VAL A 161 10.80 13.04 -25.27
N PHE A 162 11.79 12.84 -26.12
CA PHE A 162 12.94 13.73 -26.22
C PHE A 162 12.69 14.71 -27.37
N LYS A 163 13.64 15.63 -27.56
CA LYS A 163 13.54 16.61 -28.65
C LYS A 163 14.50 16.24 -29.78
N ASP A 164 15.80 16.40 -29.57
CA ASP A 164 16.80 16.08 -30.57
C ASP A 164 17.95 15.33 -29.89
N GLN A 165 18.99 15.04 -30.67
CA GLN A 165 20.13 14.32 -30.12
C GLN A 165 20.79 15.07 -28.97
N GLU A 166 20.64 16.40 -28.92
CA GLU A 166 21.23 17.18 -27.83
C GLU A 166 20.61 16.80 -26.49
N ASP A 167 19.28 16.68 -26.45
CA ASP A 167 18.60 16.29 -25.22
C ASP A 167 19.05 14.91 -24.75
N VAL A 168 19.07 13.96 -25.68
CA VAL A 168 19.52 12.61 -25.37
C VAL A 168 20.93 12.64 -24.80
N ASN A 169 21.84 13.34 -25.49
CA ASN A 169 23.23 13.42 -25.04
C ASN A 169 23.32 14.09 -23.68
N PHE A 170 22.45 15.04 -23.38
CA PHE A 170 22.46 15.67 -22.06
C PHE A 170 22.13 14.64 -20.98
N TYR A 171 21.06 13.89 -21.17
CA TYR A 171 20.70 12.91 -20.14
C TYR A 171 21.74 11.79 -20.05
N ALA A 172 22.38 11.45 -21.16
CA ALA A 172 23.50 10.52 -21.12
C ALA A 172 24.67 11.08 -20.31
N ARG A 173 24.96 12.38 -20.49
CA ARG A 173 25.98 13.03 -19.67
C ARG A 173 25.61 12.99 -18.20
N VAL A 174 24.33 13.13 -17.88
CA VAL A 174 23.90 13.02 -16.49
C VAL A 174 24.22 11.63 -15.96
N ILE A 175 23.86 10.59 -16.72
CA ILE A 175 24.10 9.22 -16.26
C ILE A 175 25.59 8.98 -16.06
N GLU A 176 26.42 9.46 -17.01
CA GLU A 176 27.86 9.29 -16.88
C GLU A 176 28.37 9.92 -15.59
N ASP A 177 27.73 11.00 -15.14
CA ASP A 177 28.04 11.66 -13.87
C ASP A 177 29.54 11.87 -13.71
N LYS A 178 30.15 12.53 -14.69
CA LYS A 178 31.53 12.97 -14.55
C LYS A 178 31.54 14.38 -13.95
N SER A 179 32.51 14.62 -13.05
CA SER A 179 32.50 15.84 -12.24
C SER A 179 32.39 17.08 -13.11
N HIS A 180 33.21 17.17 -14.16
CA HIS A 180 33.21 18.35 -15.02
C HIS A 180 31.98 18.42 -15.95
N ASP A 181 30.97 17.58 -15.77
CA ASP A 181 29.75 17.65 -16.57
C ASP A 181 28.52 18.00 -15.73
N TRP A 182 28.70 18.28 -14.44
CA TRP A 182 27.55 18.61 -13.60
C TRP A 182 26.95 19.95 -14.00
N GLU A 183 25.62 20.02 -13.94
CA GLU A 183 24.88 21.25 -14.19
C GLU A 183 23.71 21.29 -13.23
N SER A 184 23.54 22.41 -12.53
CA SER A 184 22.42 22.56 -11.59
C SER A 184 21.11 22.56 -12.39
N THR A 185 20.65 21.35 -12.69
CA THR A 185 19.42 21.12 -13.44
C THR A 185 18.55 20.17 -12.65
N PRO A 186 17.24 20.13 -12.94
CA PRO A 186 16.39 19.16 -12.25
C PRO A 186 16.80 17.72 -12.49
N ALA A 187 17.37 17.41 -13.66
CA ALA A 187 17.76 16.03 -13.94
C ALA A 187 18.92 15.59 -13.04
N HIS A 188 20.03 16.32 -13.10
CA HIS A 188 21.18 16.02 -12.25
C HIS A 188 20.75 15.84 -10.80
N VAL A 189 20.02 16.84 -10.26
CA VAL A 189 19.71 16.84 -8.84
C VAL A 189 18.74 15.72 -8.49
N LEU A 190 17.68 15.55 -9.29
CA LEU A 190 16.68 14.54 -8.96
C LEU A 190 17.27 13.14 -9.05
N ILE A 191 18.04 12.85 -10.10
CA ILE A 191 18.67 11.55 -10.22
C ILE A 191 19.63 11.30 -9.05
N ASN A 192 20.45 12.32 -8.73
CA ASN A 192 21.39 12.18 -7.64
C ASN A 192 20.68 11.89 -6.32
N GLN A 193 19.67 12.70 -5.98
CA GLN A 193 18.96 12.52 -4.72
C GLN A 193 18.24 11.18 -4.68
N GLY A 194 17.56 10.82 -5.76
CA GLY A 194 16.84 9.56 -5.78
C GLY A 194 17.76 8.37 -5.58
N HIS A 195 18.96 8.42 -6.18
CA HIS A 195 19.90 7.32 -6.00
C HIS A 195 20.44 7.30 -4.58
N MET A 196 20.83 8.46 -4.06
CA MET A 196 21.49 8.50 -2.75
C MET A 196 20.52 8.13 -1.64
N VAL A 197 19.29 8.65 -1.67
CA VAL A 197 18.34 8.43 -0.59
C VAL A 197 17.90 6.98 -0.49
N ASP A 198 18.22 6.14 -1.48
CA ASP A 198 17.88 4.73 -1.41
C ASP A 198 18.91 3.92 -0.63
N LEU A 199 19.91 4.57 -0.04
CA LEU A 199 20.91 3.90 0.78
C LEU A 199 20.53 3.89 2.26
N VAL A 200 19.33 4.32 2.60
CA VAL A 200 18.87 4.29 3.98
C VAL A 200 18.72 2.85 4.46
N ARG A 201 18.57 1.89 3.55
CA ARG A 201 18.39 0.49 3.96
C ARG A 201 19.63 -0.03 4.65
N VAL A 202 20.81 0.42 4.24
CA VAL A 202 22.07 -0.23 4.61
C VAL A 202 23.02 0.77 5.25
N LYS A 203 22.76 1.13 6.50
CA LYS A 203 23.68 1.99 7.25
C LYS A 203 23.42 1.95 8.75
N PRO A 205 25.18 3.49 11.89
CA PRO A 205 24.76 4.83 12.31
C PRO A 205 23.67 5.41 11.42
N PRO A 206 22.48 4.80 11.45
CA PRO A 206 21.40 5.29 10.58
C PRO A 206 20.99 6.71 10.90
N GLU A 207 21.18 7.18 12.14
CA GLU A 207 20.77 8.53 12.48
C GLU A 207 21.62 9.56 11.75
N SER A 208 22.94 9.34 11.69
CA SER A 208 23.83 10.25 10.98
C SER A 208 23.44 10.37 9.51
N PHE A 209 23.22 9.24 8.85
CA PHE A 209 22.88 9.25 7.43
C PHE A 209 21.52 9.90 7.20
N LEU A 210 20.53 9.55 8.01
CA LEU A 210 19.23 10.19 7.89
C LEU A 210 19.37 11.70 8.04
N GLN A 211 20.20 12.15 8.98
CA GLN A 211 20.36 13.58 9.20
C GLN A 211 20.95 14.26 7.98
N ARG A 212 22.04 13.71 7.43
CA ARG A 212 22.67 14.39 6.30
C ARG A 212 21.77 14.38 5.07
N TYR A 213 21.12 13.25 4.79
CA TYR A 213 20.21 13.20 3.63
C TYR A 213 19.02 14.14 3.82
N PHE A 214 18.43 14.12 5.02
CA PHE A 214 17.33 15.02 5.33
C PHE A 214 17.74 16.47 5.10
N SER A 215 18.95 16.85 5.51
CA SER A 215 19.40 18.22 5.33
C SER A 215 19.60 18.53 3.84
N SER A 216 20.28 17.64 3.12
CA SER A 216 20.52 17.85 1.70
C SER A 216 19.21 18.07 0.95
N MET A 217 18.14 17.39 1.37
CA MET A 217 16.86 17.55 0.69
C MET A 217 16.03 18.71 1.24
N GLN A 218 16.18 19.01 2.53
CA GLN A 218 15.50 20.16 3.11
C GLN A 218 15.98 21.45 2.48
N ARG A 219 17.24 21.49 2.03
CA ARG A 219 17.71 22.65 1.28
C ARG A 219 16.84 22.89 0.05
N TRP A 220 16.22 21.84 -0.50
CA TRP A 220 15.50 21.95 -1.76
C TRP A 220 13.99 22.05 -1.60
N ILE A 221 13.39 21.31 -0.67
CA ILE A 221 11.93 21.21 -0.64
C ILE A 221 11.35 21.57 0.73
N GLY A 222 12.20 21.73 1.72
CA GLY A 222 11.77 22.15 3.04
C GLY A 222 11.54 20.98 3.98
N SER A 223 11.19 21.35 5.22
CA SER A 223 11.04 20.35 6.28
C SER A 223 9.82 19.46 6.04
N GLN A 224 8.66 20.07 5.80
CA GLN A 224 7.44 19.30 5.58
C GLN A 224 7.62 18.29 4.45
N ALA A 225 8.03 18.78 3.29
CA ALA A 225 8.18 17.90 2.12
C ALA A 225 9.21 16.82 2.39
N THR A 226 10.27 17.14 3.13
CA THR A 226 11.33 16.16 3.39
C THR A 226 10.81 15.04 4.31
N GLU A 227 10.17 15.43 5.42
CA GLU A 227 9.53 14.45 6.28
C GLU A 227 8.59 13.56 5.49
N ALA A 228 7.82 14.15 4.58
CA ALA A 228 6.88 13.36 3.79
C ALA A 228 7.62 12.36 2.91
N VAL A 229 8.65 12.82 2.20
CA VAL A 229 9.42 11.95 1.31
C VAL A 229 9.96 10.75 2.09
N PHE A 230 10.49 10.98 3.29
CA PHE A 230 11.10 9.87 4.02
C PHE A 230 10.05 8.94 4.63
N GLY A 231 8.99 9.49 5.20
CA GLY A 231 7.91 8.65 5.69
C GLY A 231 7.32 7.77 4.60
N ILE A 232 7.26 8.29 3.38
CA ILE A 232 6.73 7.51 2.26
C ILE A 232 7.79 6.54 1.72
N GLN A 233 9.06 6.88 1.88
CA GLN A 233 10.12 5.94 1.52
C GLN A 233 10.05 4.69 2.39
N ARG A 234 9.75 4.88 3.68
CA ARG A 234 9.54 3.72 4.55
C ARG A 234 8.46 2.81 3.97
N GLN A 235 7.40 3.40 3.42
CA GLN A 235 6.32 2.61 2.83
C GLN A 235 6.78 1.93 1.54
N PHE A 236 7.56 2.62 0.72
CA PHE A 236 8.12 1.98 -0.47
C PHE A 236 8.97 0.79 -0.09
N PHE A 237 9.70 0.89 1.02
CA PHE A 237 10.49 -0.25 1.50
C PHE A 237 9.59 -1.39 1.93
N HIS A 238 8.62 -1.11 2.82
CA HIS A 238 7.66 -2.14 3.21
C HIS A 238 7.09 -2.84 1.99
N ALA A 239 6.65 -2.06 0.99
CA ALA A 239 5.95 -2.62 -0.16
C ALA A 239 6.85 -3.53 -0.98
N THR A 240 8.11 -3.13 -1.18
CA THR A 240 9.07 -3.94 -1.92
C THR A 240 9.80 -4.93 -1.03
N TYR A 241 9.32 -5.15 0.19
CA TYR A 241 9.86 -6.17 1.09
C TYR A 241 11.36 -5.96 1.30
N GLU A 242 11.69 -4.78 1.82
CA GLU A 242 13.05 -4.39 2.10
C GLU A 242 13.15 -3.92 3.55
N VAL A 243 14.36 -4.01 4.09
CA VAL A 243 14.59 -3.70 5.50
C VAL A 243 14.32 -2.22 5.74
N VAL A 244 13.32 -1.91 6.56
CA VAL A 244 13.05 -0.54 6.98
C VAL A 244 13.86 -0.28 8.23
N ALA A 245 14.70 0.75 8.19
CA ALA A 245 15.63 1.02 9.27
C ALA A 245 14.91 1.63 10.47
N GLY A 246 15.64 1.74 11.59
CA GLY A 246 15.15 2.37 12.78
C GLY A 246 15.84 3.70 13.05
N PHE A 247 15.45 4.32 14.16
CA PHE A 247 15.99 5.62 14.54
C PHE A 247 15.91 5.74 16.06
N ASP A 248 17.06 5.91 16.70
CA ASP A 248 17.13 6.04 18.15
C ASP A 248 17.91 7.31 18.47
N SER A 249 17.21 8.32 18.98
CA SER A 249 17.86 9.58 19.34
C SER A 249 18.77 9.44 20.55
N ASP A 250 18.68 8.33 21.29
CA ASP A 250 19.53 8.07 22.44
C ASP A 250 20.66 7.09 22.13
N ASN A 251 20.85 6.75 20.85
CA ASN A 251 21.92 5.82 20.48
C ASN A 251 23.27 6.39 20.91
N LYS A 252 24.11 5.53 21.48
CA LYS A 252 25.35 5.95 22.11
C LYS A 252 26.58 5.55 21.30
N GLU A 253 26.41 5.03 20.09
CA GLU A 253 27.55 4.63 19.29
C GLU A 253 28.15 5.85 18.59
N PRO A 254 29.38 5.74 18.11
CA PRO A 254 30.06 6.92 17.54
C PRO A 254 29.28 7.52 16.37
N HIS A 255 29.11 8.84 16.41
CA HIS A 255 28.52 9.55 15.28
C HIS A 255 29.50 9.56 14.12
N LEU A 256 29.03 9.19 12.93
CA LEU A 256 29.83 9.22 11.72
C LEU A 256 29.55 10.50 10.97
N VAL A 257 30.61 11.16 10.50
CA VAL A 257 30.50 12.31 9.63
C VAL A 257 30.51 11.78 8.20
N VAL A 258 29.32 11.64 7.62
CA VAL A 258 29.18 11.00 6.31
C VAL A 258 30.09 11.68 5.29
N SER A 259 29.99 13.00 5.19
CA SER A 259 30.79 13.77 4.24
C SER A 259 32.26 13.67 4.64
N GLY A 260 32.88 12.55 4.24
CA GLY A 260 34.28 12.30 4.52
C GLY A 260 34.54 11.09 5.40
N LEU A 261 33.51 10.38 5.86
CA LEU A 261 33.68 9.21 6.72
C LEU A 261 34.59 9.55 7.91
N GLY A 262 34.37 10.71 8.50
CA GLY A 262 35.15 11.19 9.62
C GLY A 262 34.46 10.97 10.94
N ARG A 263 34.88 11.76 11.94
CA ARG A 263 34.33 11.63 13.28
C ARG A 263 34.56 12.93 14.03
N TYR A 264 33.79 13.12 15.09
CA TYR A 264 33.94 14.25 16.00
C TYR A 264 34.48 13.73 17.32
N VAL A 265 35.64 14.25 17.73
CA VAL A 265 36.23 13.89 19.01
C VAL A 265 35.74 14.89 20.06
N ILE A 266 35.28 14.37 21.20
CA ILE A 266 34.74 15.21 22.26
C ILE A 266 35.82 15.72 23.20
N GLY A 267 37.05 15.24 23.07
CA GLY A 267 38.14 15.72 23.89
C GLY A 267 38.45 14.82 25.07
N ALA A 276 40.40 16.05 30.33
CA ALA A 276 39.70 16.22 29.05
C ALA A 276 38.47 17.11 29.23
N PRO A 277 38.28 18.08 28.34
CA PRO A 277 37.11 18.96 28.46
C PRO A 277 35.85 18.31 27.88
N LYS A 278 34.71 18.91 28.22
CA LYS A 278 33.43 18.35 27.79
C LYS A 278 33.12 18.71 26.34
N LYS A 279 33.46 19.93 25.91
CA LYS A 279 33.12 20.38 24.58
C LYS A 279 34.11 19.82 23.55
N GLY A 280 33.63 19.72 22.31
CA GLY A 280 34.44 19.19 21.23
C GLY A 280 35.42 20.21 20.69
N GLN A 281 36.21 19.77 19.71
CA GLN A 281 37.25 20.60 19.11
C GLN A 281 36.65 21.80 18.38
N LYS A 282 37.50 22.55 17.68
CA LYS A 282 37.07 23.76 16.97
C LYS A 282 36.29 23.40 15.72
N GLU A 283 35.18 22.69 15.87
CA GLU A 283 34.29 22.26 14.79
C GLU A 283 34.94 21.21 13.89
N GLY A 284 36.19 20.83 14.13
CA GLY A 284 36.88 19.95 13.21
C GLY A 284 36.54 18.49 13.40
N ASP A 285 36.78 17.72 12.35
CA ASP A 285 36.54 16.28 12.34
C ASP A 285 37.85 15.54 12.10
N LEU A 286 37.96 14.36 12.67
CA LEU A 286 39.16 13.54 12.58
C LEU A 286 38.90 12.35 11.66
N LYS A 287 39.99 11.64 11.33
CA LYS A 287 39.91 10.51 10.41
C LYS A 287 40.42 9.24 11.06
N VAL A 288 41.74 9.06 11.07
CA VAL A 288 42.37 7.92 11.73
C VAL A 288 43.24 8.46 12.86
N PHE A 289 42.59 9.04 13.86
CA PHE A 289 43.26 9.86 14.86
C PHE A 289 43.38 9.13 16.19
N PRO A 290 44.59 8.80 16.65
CA PRO A 290 44.72 8.26 18.00
C PRO A 290 44.34 9.29 19.06
N GLN A 291 44.04 8.80 20.25
CA GLN A 291 43.41 9.60 21.29
C GLN A 291 44.13 9.46 22.62
N THR A 292 43.86 10.40 23.52
CA THR A 292 44.48 10.47 24.84
C THR A 292 43.40 10.31 25.91
N TYR A 293 43.31 9.11 26.49
CA TYR A 293 42.34 8.85 27.54
C TYR A 293 42.62 9.73 28.77
N GLU A 299 39.91 11.07 26.15
CA GLU A 299 39.57 11.51 24.81
C GLU A 299 38.88 10.39 24.04
N ARG A 300 37.60 10.57 23.75
CA ARG A 300 36.79 9.56 23.10
C ARG A 300 36.09 10.17 21.89
N LEU A 301 35.41 9.30 21.13
CA LEU A 301 34.66 9.73 19.95
C LEU A 301 33.27 10.20 20.36
N MET A 302 32.80 11.26 19.72
CA MET A 302 31.46 11.76 19.99
C MET A 302 30.42 10.71 19.59
N ARG A 303 29.47 10.47 20.47
CA ARG A 303 28.38 9.54 20.23
C ARG A 303 27.22 10.26 19.55
N VAL A 304 26.30 9.46 18.98
CA VAL A 304 25.24 10.03 18.14
C VAL A 304 24.38 11.00 18.94
N ASP A 305 23.79 10.51 20.04
CA ASP A 305 22.87 11.36 20.80
C ASP A 305 23.50 12.71 21.13
N GLU A 306 24.81 12.73 21.38
CA GLU A 306 25.50 14.00 21.59
C GLU A 306 25.43 14.87 20.33
N PHE A 307 25.52 14.24 19.16
CA PHE A 307 25.43 14.99 17.91
C PHE A 307 24.03 15.52 17.67
N LEU A 308 23.02 14.72 18.03
CA LEU A 308 21.63 15.14 17.84
C LEU A 308 21.22 16.21 18.85
N LYS A 309 21.83 16.21 20.03
CA LYS A 309 21.53 17.22 21.04
C LYS A 309 22.14 18.58 20.72
N LEU A 310 23.10 18.63 19.80
CA LEU A 310 23.79 19.87 19.47
C LEU A 310 22.80 20.99 19.16
N PRO A 311 23.19 22.26 19.34
CA PRO A 311 22.25 23.34 19.00
C PRO A 311 22.00 23.46 17.50
N GLU A 312 23.05 23.38 16.69
CA GLU A 312 22.88 23.50 15.24
C GLU A 312 22.15 22.31 14.63
N ILE A 313 21.85 21.27 15.42
CA ILE A 313 21.12 20.11 14.95
C ILE A 313 19.71 20.07 15.52
N GLN A 314 19.59 20.06 16.85
CA GLN A 314 18.29 19.98 17.49
C GLN A 314 17.37 21.15 17.12
N ASN A 315 17.94 22.23 16.57
CA ASN A 315 17.17 23.40 16.20
C ASN A 315 16.93 23.51 14.69
N THR A 316 17.26 22.47 13.92
CA THR A 316 17.06 22.48 12.48
C THR A 316 16.56 21.14 11.96
N PHE A 317 17.05 20.05 12.54
CA PHE A 317 16.74 18.71 12.05
C PHE A 317 15.58 18.12 12.84
N PRO A 318 14.42 17.87 12.22
CA PRO A 318 13.37 17.14 12.93
C PRO A 318 13.86 15.74 13.29
N GLY A 319 13.15 15.12 14.24
CA GLY A 319 13.54 13.82 14.74
C GLY A 319 14.58 13.87 15.84
N SER A 320 15.23 15.02 16.05
CA SER A 320 16.12 15.19 17.19
C SER A 320 15.28 15.11 18.46
N GLY A 321 15.50 14.07 19.26
CA GLY A 321 14.69 13.81 20.43
C GLY A 321 13.52 12.88 20.20
N LYS A 322 13.29 12.46 18.96
CA LYS A 322 12.23 11.51 18.62
C LYS A 322 12.85 10.20 18.15
N HIS A 323 12.04 9.15 18.15
CA HIS A 323 12.47 7.81 17.79
C HIS A 323 11.52 7.21 16.77
N LEU A 324 12.02 6.25 16.00
CA LEU A 324 11.23 5.51 15.04
C LEU A 324 11.51 4.03 15.20
N GLN A 325 10.47 3.21 15.22
CA GLN A 325 10.62 1.78 15.46
C GLN A 325 11.35 1.12 14.28
N GLY A 326 11.59 -0.18 14.42
CA GLY A 326 12.44 -0.89 13.50
C GLY A 326 11.78 -1.28 12.20
N GLY A 327 11.02 -2.37 12.21
CA GLY A 327 10.44 -2.90 10.99
C GLY A 327 8.93 -2.72 10.90
N MET A 328 8.22 -3.81 10.65
CA MET A 328 6.77 -3.75 10.54
C MET A 328 6.14 -3.59 11.92
N PRO A 329 5.25 -2.61 12.12
CA PRO A 329 4.65 -2.46 13.45
C PRO A 329 3.80 -3.64 13.88
N GLY A 330 2.98 -4.19 12.98
CA GLY A 330 2.01 -5.19 13.34
C GLY A 330 2.52 -6.62 13.27
N MET A 331 3.80 -6.83 13.58
CA MET A 331 4.36 -8.17 13.59
C MET A 331 5.66 -8.16 14.35
N ASN A 332 6.09 -9.35 14.76
CA ASN A 332 7.29 -9.52 15.56
C ASN A 332 8.51 -9.70 14.66
N GLU A 333 9.63 -10.14 15.25
CA GLU A 333 10.87 -10.28 14.49
C GLU A 333 10.76 -11.39 13.46
N MET A 334 10.17 -12.52 13.82
CA MET A 334 10.19 -13.70 12.96
C MET A 334 9.29 -13.54 11.75
N ASP A 335 8.10 -12.99 11.94
CA ASP A 335 7.22 -12.72 10.81
C ASP A 335 7.88 -11.74 9.85
N TYR A 336 8.54 -10.72 10.40
CA TYR A 336 9.28 -9.79 9.55
C TYR A 336 10.35 -10.52 8.76
N TRP A 337 11.13 -11.38 9.41
CA TRP A 337 12.14 -12.15 8.71
C TRP A 337 11.54 -12.92 7.54
N ASN A 338 10.50 -13.70 7.82
CA ASN A 338 9.86 -14.49 6.77
C ASN A 338 9.25 -13.61 5.70
N ARG A 339 8.96 -12.35 6.01
CA ARG A 339 8.46 -11.42 5.02
C ARG A 339 9.56 -10.88 4.12
N LEU A 340 10.78 -10.71 4.67
CA LEU A 340 11.89 -10.23 3.85
C LEU A 340 12.49 -11.32 3.00
N ASN A 341 12.44 -12.57 3.47
CA ASN A 341 12.96 -13.71 2.72
C ASN A 341 11.84 -14.47 2.00
N SER A 342 10.77 -13.77 1.65
CA SER A 342 9.67 -14.35 0.92
C SER A 342 9.95 -14.31 -0.58
N LEU A 343 9.15 -15.05 -1.34
CA LEU A 343 9.24 -15.00 -2.79
C LEU A 343 8.83 -13.64 -3.33
N ASN A 344 8.06 -12.85 -2.57
CA ASN A 344 7.66 -11.53 -3.04
C ASN A 344 8.86 -10.61 -3.22
N ARG A 345 9.88 -10.75 -2.37
CA ARG A 345 11.10 -9.97 -2.58
C ARG A 345 11.75 -10.31 -3.91
N ALA A 346 11.75 -11.60 -4.27
CA ALA A 346 12.31 -12.01 -5.56
C ALA A 346 11.39 -11.62 -6.72
N ARG A 347 10.09 -11.46 -6.47
CA ARG A 347 9.18 -11.02 -7.52
C ARG A 347 9.33 -9.52 -7.78
N CYS A 348 9.55 -8.73 -6.74
CA CYS A 348 9.80 -7.31 -6.93
C CYS A 348 11.06 -7.09 -7.76
N GLU A 349 12.12 -7.82 -7.47
CA GLU A 349 13.40 -7.59 -8.12
C GLU A 349 13.49 -8.22 -9.50
N ASN A 350 12.51 -9.03 -9.90
CA ASN A 350 12.59 -9.76 -11.16
C ASN A 350 11.44 -9.50 -12.12
N ASP A 351 10.34 -8.89 -11.67
CA ASP A 351 9.19 -8.62 -12.53
C ASP A 351 8.87 -7.13 -12.48
N VAL A 352 8.99 -6.47 -13.63
CA VAL A 352 8.72 -5.03 -13.70
C VAL A 352 7.28 -4.73 -13.26
N ASP A 353 6.32 -5.48 -13.80
CA ASP A 353 4.92 -5.23 -13.50
C ASP A 353 4.63 -5.40 -12.01
N PHE A 354 5.12 -6.49 -11.42
CA PHE A 354 4.83 -6.78 -10.02
C PHE A 354 5.35 -5.66 -9.12
N CYS A 355 6.61 -5.26 -9.30
CA CYS A 355 7.20 -4.24 -8.45
C CYS A 355 6.55 -2.88 -8.68
N LEU A 356 6.30 -2.53 -9.95
CA LEU A 356 5.62 -1.28 -10.25
C LEU A 356 4.25 -1.24 -9.58
N LYS A 357 3.56 -2.38 -9.53
CA LYS A 357 2.23 -2.39 -8.91
C LYS A 357 2.34 -2.27 -7.39
N GLN A 358 3.33 -2.93 -6.78
CA GLN A 358 3.54 -2.75 -5.34
C GLN A 358 3.76 -1.27 -5.01
N LEU A 359 4.67 -0.63 -5.73
CA LEU A 359 4.96 0.78 -5.48
C LEU A 359 3.76 1.66 -5.78
N GLN A 360 3.01 1.34 -6.84
CA GLN A 360 1.83 2.11 -7.19
C GLN A 360 0.79 2.06 -6.08
N THR A 361 0.52 0.84 -5.59
CA THR A 361 -0.45 0.68 -4.49
C THR A 361 -0.01 1.46 -3.26
N ALA A 362 1.28 1.35 -2.89
CA ALA A 362 1.74 2.03 -1.69
C ALA A 362 1.70 3.55 -1.86
N HIS A 363 2.12 4.05 -3.02
CA HIS A 363 2.14 5.49 -3.25
C HIS A 363 0.73 6.06 -3.30
N ASP A 364 -0.24 5.30 -3.81
CA ASP A 364 -1.62 5.77 -3.79
C ASP A 364 -2.19 5.75 -2.38
N LYS A 365 -1.86 4.72 -1.58
CA LYS A 365 -2.34 4.68 -0.20
C LYS A 365 -1.73 5.78 0.65
N ALA A 366 -0.51 6.22 0.30
CA ALA A 366 0.14 7.31 1.03
C ALA A 366 -0.53 8.65 0.78
N LYS A 367 -1.31 8.77 -0.30
CA LYS A 367 -2.07 10.00 -0.55
C LYS A 367 -3.33 10.07 0.28
N ILE A 368 -3.84 8.92 0.75
CA ILE A 368 -5.09 8.88 1.49
C ILE A 368 -4.89 8.72 2.99
N GLU A 369 -3.86 8.02 3.46
CA GLU A 369 -3.72 7.74 4.89
C GLU A 369 -3.49 9.01 5.69
N PRO A 370 -2.69 9.96 5.20
CA PRO A 370 -2.53 11.21 5.96
C PRO A 370 -3.85 11.91 6.23
N ILE A 371 -4.77 11.90 5.27
CA ILE A 371 -6.07 12.55 5.46
C ILE A 371 -6.83 11.87 6.58
N LYS A 372 -6.93 10.53 6.53
CA LYS A 372 -7.58 9.80 7.62
C LYS A 372 -6.95 10.14 8.96
N GLN A 373 -5.62 10.06 9.04
CA GLN A 373 -4.92 10.33 10.29
C GLN A 373 -5.19 11.75 10.78
N ALA A 374 -5.45 12.68 9.87
CA ALA A 374 -5.68 14.07 10.24
C ALA A 374 -6.92 14.23 11.10
N PHE A 375 -8.09 14.18 10.50
CA PHE A 375 -9.34 14.47 11.20
C PHE A 375 -9.62 13.43 12.28
N GLN A 376 -10.24 13.88 13.36
CA GLN A 376 -10.63 12.98 14.44
C GLN A 376 -11.54 11.88 13.89
N SER A 377 -11.09 10.64 13.98
CA SER A 377 -11.84 9.52 13.44
C SER A 377 -13.23 9.45 14.06
N SER A 378 -14.23 9.21 13.21
CA SER A 378 -15.60 9.08 13.68
C SER A 378 -15.71 7.97 14.70
N LYS A 379 -16.40 8.26 15.81
CA LYS A 379 -16.58 7.27 16.87
C LYS A 379 -17.17 5.99 16.28
N GLY A 380 -16.48 4.87 16.51
CA GLY A 380 -16.90 3.62 15.93
C GLY A 380 -18.09 2.99 16.63
N LYS A 381 -18.61 1.96 16.00
CA LYS A 381 -19.71 1.19 16.58
C LYS A 381 -19.22 0.32 17.72
N GLU A 382 -20.08 0.15 18.73
CA GLU A 382 -19.77 -0.67 19.90
C GLU A 382 -20.63 -1.94 19.87
N ARG A 383 -19.98 -3.09 20.05
CA ARG A 383 -20.66 -4.37 20.17
C ARG A 383 -20.24 -5.04 21.48
N ARG A 384 -21.19 -5.73 22.12
CA ARG A 384 -20.89 -6.44 23.35
C ARG A 384 -20.23 -7.78 23.02
N GLN A 385 -19.30 -8.19 23.87
CA GLN A 385 -18.54 -9.41 23.62
C GLN A 385 -19.41 -10.64 23.84
N PRO A 386 -19.09 -11.76 23.19
CA PRO A 386 -19.93 -12.95 23.33
C PRO A 386 -20.01 -13.45 24.77
N ASN A 387 -21.17 -14.00 25.13
CA ASN A 387 -21.36 -14.58 26.44
C ASN A 387 -20.76 -15.98 26.49
N VAL A 388 -20.52 -16.46 27.72
CA VAL A 388 -19.84 -17.75 27.88
C VAL A 388 -20.69 -18.88 27.29
N ASP A 389 -22.00 -18.83 27.50
CA ASP A 389 -22.88 -19.84 26.93
C ASP A 389 -22.78 -19.87 25.41
N GLU A 390 -22.67 -18.69 24.80
CA GLU A 390 -22.57 -18.63 23.34
C GLU A 390 -21.25 -19.20 22.84
N ILE A 391 -20.16 -18.93 23.57
CA ILE A 391 -18.86 -19.51 23.22
C ILE A 391 -18.94 -21.04 23.28
N ALA A 392 -19.52 -21.56 24.36
CA ALA A 392 -19.69 -23.00 24.48
C ALA A 392 -20.51 -23.55 23.32
N ALA A 393 -21.64 -22.91 23.01
CA ALA A 393 -22.48 -23.37 21.91
C ALA A 393 -21.70 -23.41 20.60
N ALA A 394 -20.96 -22.35 20.31
CA ALA A 394 -20.17 -22.30 19.08
C ALA A 394 -19.19 -23.46 19.02
N ARG A 395 -18.46 -23.70 20.12
CA ARG A 395 -17.49 -24.79 20.11
C ARG A 395 -18.17 -26.14 19.88
N ILE A 396 -19.30 -26.39 20.56
CA ILE A 396 -19.98 -27.67 20.39
C ILE A 396 -20.43 -27.85 18.95
N ILE A 397 -21.00 -26.81 18.36
CA ILE A 397 -21.47 -26.88 16.98
C ILE A 397 -20.30 -27.17 16.05
N GLN A 398 -19.17 -26.47 16.26
CA GLN A 398 -17.99 -26.71 15.44
C GLN A 398 -17.55 -28.16 15.54
N GLN A 399 -17.50 -28.71 16.75
CA GLN A 399 -17.07 -30.10 16.92
C GLN A 399 -18.00 -31.05 16.19
N ILE A 400 -19.32 -30.90 16.39
CA ILE A 400 -20.26 -31.82 15.77
C ILE A 400 -20.15 -31.74 14.25
N LEU A 401 -19.89 -30.55 13.71
CA LEU A 401 -19.73 -30.42 12.27
C LEU A 401 -18.42 -31.05 11.80
N ALA A 402 -17.37 -31.00 12.60
CA ALA A 402 -16.09 -31.55 12.20
C ALA A 402 -16.05 -33.07 12.30
N ASN A 403 -16.84 -33.66 13.20
CA ASN A 403 -16.88 -35.11 13.38
C ASN A 403 -18.33 -35.52 13.65
N PRO A 404 -19.12 -35.73 12.60
CA PRO A 404 -20.52 -36.11 12.79
C PRO A 404 -20.72 -37.53 13.32
N ASP A 405 -19.65 -38.28 13.59
CA ASP A 405 -19.79 -39.65 14.05
C ASP A 405 -20.59 -39.73 15.35
N CYS A 406 -20.49 -38.72 16.20
CA CYS A 406 -21.16 -38.73 17.49
C CYS A 406 -22.67 -38.58 17.39
N ILE A 407 -23.20 -38.31 16.21
CA ILE A 407 -24.63 -38.08 16.05
C ILE A 407 -25.36 -39.42 16.09
N HIS A 408 -26.34 -39.53 16.99
CA HIS A 408 -27.13 -40.74 17.11
C HIS A 408 -28.62 -40.41 17.07
N ASP A 409 -29.48 -41.38 17.40
CA ASP A 409 -30.90 -41.24 17.16
C ASP A 409 -31.58 -40.35 18.20
N ASP A 410 -31.29 -40.56 19.48
CA ASP A 410 -31.96 -39.83 20.56
C ASP A 410 -30.99 -39.00 21.39
N HIS A 411 -29.77 -38.77 20.89
CA HIS A 411 -28.76 -38.03 21.65
C HIS A 411 -27.51 -37.90 20.78
N VAL A 412 -26.61 -37.02 21.22
CA VAL A 412 -25.27 -36.90 20.63
C VAL A 412 -24.28 -36.94 21.77
N LEU A 413 -23.45 -37.98 21.81
CA LEU A 413 -22.51 -38.15 22.91
C LEU A 413 -21.11 -37.78 22.45
N ILE A 414 -20.55 -36.74 23.08
CA ILE A 414 -19.25 -36.21 22.72
C ILE A 414 -18.46 -35.96 24.00
N ASN A 415 -17.14 -36.17 23.91
CA ASN A 415 -16.22 -36.09 25.04
C ASN A 415 -16.87 -36.51 26.36
N GLY A 416 -17.52 -37.67 26.38
CA GLY A 416 -17.99 -38.27 27.61
C GLY A 416 -19.35 -37.83 28.10
N GLN A 417 -20.03 -36.92 27.40
CA GLN A 417 -21.35 -36.44 27.79
C GLN A 417 -22.36 -36.84 26.72
N LYS A 418 -23.57 -37.22 27.16
CA LYS A 418 -24.68 -37.49 26.25
C LYS A 418 -25.59 -36.26 26.24
N LEU A 419 -25.66 -35.57 25.09
CA LEU A 419 -26.49 -34.40 24.93
C LEU A 419 -27.86 -34.83 24.41
N GLU A 420 -28.91 -34.48 25.15
CA GLU A 420 -30.27 -34.81 24.77
C GLU A 420 -30.91 -33.63 24.04
N GLN A 421 -32.21 -33.73 23.78
CA GLN A 421 -32.92 -32.70 23.02
C GLN A 421 -33.06 -31.41 23.83
N GLN A 422 -33.48 -31.55 25.09
CA GLN A 422 -33.68 -30.38 25.94
C GLN A 422 -32.40 -29.56 26.05
N PHE A 423 -31.23 -30.18 25.90
CA PHE A 423 -29.98 -29.43 25.95
C PHE A 423 -29.88 -28.45 24.78
N PHE A 424 -30.09 -28.94 23.56
CA PHE A 424 -30.03 -28.07 22.40
C PHE A 424 -31.13 -27.02 22.43
N ARG A 425 -32.31 -27.38 22.97
CA ARG A 425 -33.37 -26.38 23.09
C ARG A 425 -33.00 -25.29 24.09
N ASP A 426 -32.43 -25.67 25.23
CA ASP A 426 -31.93 -24.70 26.20
C ASP A 426 -30.85 -23.83 25.57
N LEU A 427 -30.03 -24.42 24.69
CA LEU A 427 -29.02 -23.65 23.98
C LEU A 427 -29.67 -22.55 23.14
N LEU A 428 -30.66 -22.92 22.33
CA LEU A 428 -31.35 -21.91 21.54
C LEU A 428 -31.98 -20.85 22.43
N ALA A 429 -32.53 -21.26 23.57
CA ALA A 429 -33.22 -20.31 24.44
C ALA A 429 -32.23 -19.31 25.07
N LYS A 430 -31.05 -19.78 25.45
CA LYS A 430 -30.10 -18.93 26.19
C LYS A 430 -29.18 -18.12 25.29
N CYS A 431 -28.98 -18.53 24.03
CA CYS A 431 -27.98 -17.93 23.17
C CYS A 431 -28.62 -17.08 22.09
N GLU A 432 -27.93 -15.98 21.74
CA GLU A 432 -28.25 -15.20 20.55
C GLU A 432 -27.50 -15.82 19.39
N MET A 433 -28.22 -16.54 18.53
CA MET A 433 -27.58 -17.38 17.53
C MET A 433 -26.81 -16.57 16.49
N ALA A 434 -27.06 -15.26 16.41
CA ALA A 434 -26.28 -14.42 15.50
C ALA A 434 -24.85 -14.26 16.00
N VAL A 435 -24.69 -13.91 17.28
CA VAL A 435 -23.34 -13.79 17.83
C VAL A 435 -22.70 -15.14 18.02
N VAL A 436 -23.48 -16.23 18.01
CA VAL A 436 -22.89 -17.57 17.90
C VAL A 436 -22.32 -17.77 16.50
N GLY A 437 -23.11 -17.46 15.47
CA GLY A 437 -22.62 -17.56 14.12
C GLY A 437 -21.37 -16.74 13.87
N SER A 438 -21.25 -15.60 14.56
CA SER A 438 -20.04 -14.79 14.42
C SER A 438 -18.80 -15.57 14.83
N LEU A 439 -18.93 -16.42 15.86
CA LEU A 439 -17.82 -17.24 16.32
C LEU A 439 -17.51 -18.40 15.38
N LEU A 440 -18.30 -18.61 14.34
CA LEU A 440 -18.12 -19.71 13.41
C LEU A 440 -17.33 -19.24 12.20
N ASN A 441 -16.60 -20.18 11.60
CA ASN A 441 -15.67 -19.89 10.51
C ASN A 441 -16.09 -20.65 9.25
N ASP A 442 -15.29 -20.47 8.19
CA ASP A 442 -15.61 -21.07 6.91
C ASP A 442 -15.37 -22.58 6.90
N THR A 443 -14.52 -23.09 7.79
CA THR A 443 -14.32 -24.53 7.85
C THR A 443 -15.58 -25.26 8.29
N ASP A 444 -16.39 -24.64 9.16
CA ASP A 444 -17.67 -25.24 9.54
C ASP A 444 -18.64 -25.24 8.36
N ILE A 445 -18.71 -24.12 7.63
CA ILE A 445 -19.48 -24.09 6.38
C ILE A 445 -19.06 -25.27 5.50
N GLY A 446 -17.74 -25.43 5.32
CA GLY A 446 -17.25 -26.54 4.52
C GLY A 446 -17.64 -27.90 5.08
N ASN A 447 -17.73 -28.02 6.40
CA ASN A 447 -18.07 -29.28 7.05
C ASN A 447 -19.55 -29.60 7.00
N ILE A 448 -20.40 -28.64 6.62
CA ILE A 448 -21.80 -28.96 6.38
C ILE A 448 -21.91 -30.17 5.46
N ASP A 449 -21.06 -30.23 4.43
CA ASP A 449 -21.13 -31.32 3.46
C ASP A 449 -20.86 -32.66 4.14
N THR A 450 -19.88 -32.69 5.05
CA THR A 450 -19.59 -33.92 5.78
C THR A 450 -20.75 -34.32 6.66
N LEU A 451 -21.34 -33.35 7.38
CA LEU A 451 -22.52 -33.65 8.18
C LEU A 451 -23.59 -34.31 7.32
N MET A 452 -23.89 -33.70 6.17
CA MET A 452 -24.94 -34.23 5.31
C MET A 452 -24.56 -35.58 4.72
N ARG A 453 -23.27 -35.82 4.50
CA ARG A 453 -22.83 -37.14 4.04
C ARG A 453 -23.05 -38.19 5.12
N HIS A 454 -22.91 -37.81 6.39
CA HIS A 454 -23.21 -38.74 7.47
C HIS A 454 -24.70 -38.87 7.72
N GLU A 455 -25.46 -37.79 7.52
CA GLU A 455 -26.90 -37.78 7.75
C GLU A 455 -27.67 -37.81 6.44
N LYS A 456 -27.36 -38.78 5.58
CA LYS A 456 -28.01 -38.86 4.28
C LYS A 456 -29.43 -39.40 4.39
N ASP A 457 -29.58 -40.59 4.95
CA ASP A 457 -30.89 -41.23 5.09
C ASP A 457 -31.78 -40.56 6.13
N THR A 458 -31.33 -39.45 6.73
CA THR A 458 -32.08 -38.84 7.82
C THR A 458 -33.32 -38.15 7.29
N GLU A 459 -34.49 -38.58 7.76
CA GLU A 459 -35.74 -37.99 7.32
C GLU A 459 -36.04 -36.72 8.11
N PHE A 460 -36.51 -35.70 7.39
CA PHE A 460 -36.86 -34.41 7.98
C PHE A 460 -38.31 -34.12 7.66
N HIS A 461 -39.13 -33.97 8.68
CA HIS A 461 -40.56 -33.72 8.50
C HIS A 461 -40.81 -32.24 8.24
N SER A 462 -42.08 -31.92 8.00
CA SER A 462 -42.57 -30.55 7.93
C SER A 462 -43.67 -30.37 8.95
N THR A 463 -43.98 -29.11 9.25
CA THR A 463 -45.10 -28.82 10.14
C THR A 463 -46.44 -29.22 9.54
N ASN A 464 -46.45 -29.65 8.28
CA ASN A 464 -47.68 -30.13 7.65
C ASN A 464 -47.81 -31.62 7.93
N PRO A 465 -48.79 -32.07 8.73
CA PRO A 465 -48.88 -33.50 9.05
C PRO A 465 -48.91 -34.40 7.83
N GLU A 466 -49.57 -33.98 6.75
CA GLU A 466 -49.75 -34.80 5.56
C GLU A 466 -48.59 -34.67 4.58
N ALA A 467 -47.45 -34.16 5.02
CA ALA A 467 -46.30 -33.99 4.14
C ALA A 467 -45.40 -35.22 4.18
N VAL A 468 -44.71 -35.46 3.07
CA VAL A 468 -43.81 -36.61 2.95
C VAL A 468 -42.44 -36.19 3.48
N PRO A 469 -41.82 -36.95 4.38
CA PRO A 469 -40.51 -36.55 4.90
C PRO A 469 -39.47 -36.43 3.80
N VAL A 470 -38.45 -35.62 4.07
CA VAL A 470 -37.40 -35.32 3.11
C VAL A 470 -36.06 -35.71 3.72
N LYS A 471 -35.14 -36.15 2.88
CA LYS A 471 -33.79 -36.52 3.29
C LYS A 471 -32.88 -35.32 3.07
N ILE A 472 -32.68 -34.52 4.12
CA ILE A 472 -31.87 -33.30 4.00
C ILE A 472 -30.50 -33.63 3.43
N GLY A 473 -29.84 -34.63 3.99
CA GLY A 473 -28.48 -34.94 3.55
C GLY A 473 -28.43 -35.25 2.07
N GLU A 474 -29.33 -36.11 1.60
CA GLU A 474 -29.36 -36.46 0.19
C GLU A 474 -29.57 -35.23 -0.68
N TYR A 475 -30.61 -34.44 -0.39
CA TYR A 475 -30.90 -33.26 -1.19
C TYR A 475 -29.70 -32.31 -1.23
N TRP A 476 -29.10 -32.05 -0.07
CA TRP A 476 -27.98 -31.13 0.00
C TRP A 476 -26.81 -31.62 -0.84
N ILE A 477 -26.29 -32.81 -0.51
CA ILE A 477 -25.11 -33.29 -1.23
C ILE A 477 -25.41 -33.48 -2.71
N ASN A 478 -26.67 -33.69 -3.08
CA ASN A 478 -27.04 -33.76 -4.49
C ASN A 478 -26.89 -32.39 -5.15
N ASP A 479 -27.45 -31.36 -4.52
CA ASP A 479 -27.37 -30.02 -5.11
C ASP A 479 -25.94 -29.49 -5.07
N GLN A 480 -25.24 -29.68 -3.96
CA GLN A 480 -23.92 -29.10 -3.75
C GLN A 480 -22.88 -29.96 -4.47
N ARG A 481 -22.33 -29.44 -5.56
CA ARG A 481 -21.24 -30.10 -6.27
C ARG A 481 -20.33 -29.03 -6.85
N ILE A 482 -19.06 -29.04 -6.41
CA ILE A 482 -18.08 -28.06 -6.87
C ILE A 482 -18.64 -26.64 -6.74
N ILE A 489 -16.90 -23.59 -1.10
CA ILE A 489 -17.20 -22.54 -2.07
C ILE A 489 -18.16 -21.53 -1.46
N THR A 490 -18.00 -20.26 -1.85
CA THR A 490 -18.91 -19.22 -1.39
C THR A 490 -20.35 -19.51 -1.79
N GLN A 491 -20.54 -20.11 -2.98
CA GLN A 491 -21.87 -20.55 -3.39
C GLN A 491 -22.55 -21.36 -2.29
N LYS A 492 -21.77 -22.15 -1.55
CA LYS A 492 -22.34 -22.99 -0.51
C LYS A 492 -23.15 -22.17 0.48
N LYS A 493 -22.68 -20.97 0.82
CA LYS A 493 -23.46 -20.09 1.68
C LYS A 493 -24.75 -19.66 1.00
N HIS A 494 -24.65 -19.22 -0.25
CA HIS A 494 -25.83 -18.76 -0.98
C HIS A 494 -26.90 -19.84 -1.03
N ASP A 495 -26.53 -21.05 -1.47
CA ASP A 495 -27.48 -22.16 -1.46
C ASP A 495 -28.06 -22.37 -0.07
N LEU A 496 -27.23 -22.24 0.97
CA LEU A 496 -27.74 -22.38 2.32
C LEU A 496 -28.82 -21.35 2.61
N ILE A 497 -28.66 -20.13 2.08
CA ILE A 497 -29.73 -19.15 2.16
C ILE A 497 -30.93 -19.61 1.34
N PHE A 498 -30.69 -20.10 0.13
CA PHE A 498 -31.76 -20.57 -0.74
C PHE A 498 -32.67 -21.54 0.01
N LEU A 499 -32.07 -22.60 0.56
CA LEU A 499 -32.85 -23.58 1.31
C LEU A 499 -33.69 -22.93 2.39
N MET A 500 -33.18 -21.87 3.02
CA MET A 500 -33.91 -21.20 4.08
C MET A 500 -34.97 -20.24 3.56
N GLN A 501 -34.76 -19.65 2.38
CA GLN A 501 -35.76 -18.74 1.83
C GLN A 501 -36.91 -19.50 1.20
N ASN A 502 -36.61 -20.53 0.42
CA ASN A 502 -37.59 -21.39 -0.22
C ASN A 502 -37.80 -22.64 0.64
N ASP A 503 -38.31 -23.70 0.03
CA ASP A 503 -38.44 -24.99 0.71
C ASP A 503 -39.17 -24.85 2.04
N ALA A 504 -40.50 -24.82 1.99
CA ALA A 504 -41.30 -24.64 3.21
C ALA A 504 -41.08 -25.80 4.19
N TRP A 505 -41.02 -27.02 3.67
CA TRP A 505 -40.84 -28.20 4.51
C TRP A 505 -39.66 -28.05 5.47
N TYR A 506 -38.74 -27.16 5.18
CA TYR A 506 -37.53 -26.98 5.99
C TYR A 506 -37.67 -25.81 6.96
N PHE A 507 -37.86 -24.59 6.46
CA PHE A 507 -37.92 -23.45 7.37
C PHE A 507 -39.13 -23.50 8.27
N SER A 508 -40.20 -24.19 7.88
CA SER A 508 -41.31 -24.41 8.81
C SER A 508 -40.79 -25.02 10.11
N ARG A 509 -40.11 -26.17 10.00
CA ARG A 509 -39.58 -26.83 11.18
C ARG A 509 -38.51 -25.98 11.87
N VAL A 510 -37.63 -25.35 11.10
CA VAL A 510 -36.56 -24.56 11.71
C VAL A 510 -37.14 -23.45 12.58
N ASN A 511 -37.94 -22.57 11.97
CA ASN A 511 -38.56 -21.47 12.71
C ASN A 511 -39.41 -22.00 13.86
N ALA A 512 -40.10 -23.12 13.67
CA ALA A 512 -40.95 -23.68 14.71
C ALA A 512 -40.16 -24.35 15.82
N ILE A 513 -38.88 -24.62 15.61
CA ILE A 513 -38.03 -25.10 16.70
C ILE A 513 -37.40 -23.94 17.46
N ALA A 514 -36.96 -22.90 16.75
CA ALA A 514 -36.39 -21.74 17.45
C ALA A 514 -37.35 -21.24 18.52
N GLN A 515 -38.60 -20.97 18.13
CA GLN A 515 -39.70 -20.83 19.08
C GLN A 515 -40.29 -22.21 19.34
N ASN A 516 -40.87 -22.38 20.53
CA ASN A 516 -41.36 -23.69 20.93
C ASN A 516 -42.56 -24.11 20.08
N ARG A 517 -42.52 -25.36 19.58
CA ARG A 517 -43.64 -25.96 18.87
C ARG A 517 -44.07 -27.23 19.58
N ASP A 518 -45.27 -27.69 19.25
CA ASP A 518 -45.83 -28.93 19.79
C ASP A 518 -46.04 -29.91 18.64
N LYS A 519 -44.93 -30.34 18.03
CA LYS A 519 -44.95 -31.24 16.89
C LYS A 519 -44.03 -32.43 17.17
N GLY A 520 -44.19 -33.47 16.35
CA GLY A 520 -43.34 -34.64 16.45
C GLY A 520 -41.88 -34.30 16.31
N SER A 521 -41.15 -34.34 17.43
CA SER A 521 -39.77 -33.86 17.48
C SER A 521 -38.81 -35.03 17.27
N THR A 522 -38.31 -35.16 16.04
CA THR A 522 -37.12 -35.97 15.83
C THR A 522 -35.93 -35.26 16.48
N PHE A 523 -35.20 -35.99 17.34
CA PHE A 523 -34.03 -35.37 17.95
C PHE A 523 -33.13 -34.75 16.89
N LYS A 524 -32.96 -35.45 15.77
CA LYS A 524 -32.15 -34.91 14.68
C LYS A 524 -32.75 -33.65 14.09
N GLU A 525 -34.08 -33.50 14.15
CA GLU A 525 -34.69 -32.23 13.71
C GLU A 525 -34.19 -31.06 14.54
N VAL A 526 -34.33 -31.17 15.87
CA VAL A 526 -33.85 -30.13 16.77
C VAL A 526 -32.34 -29.91 16.58
N LEU A 527 -31.61 -31.01 16.39
CA LEU A 527 -30.17 -30.91 16.25
C LEU A 527 -29.79 -30.11 15.00
N ILE A 528 -30.28 -30.54 13.84
CA ILE A 528 -29.98 -29.84 12.60
C ILE A 528 -30.46 -28.40 12.66
N THR A 529 -31.57 -28.14 13.36
CA THR A 529 -31.99 -26.75 13.55
C THR A 529 -30.90 -25.95 14.24
N THR A 530 -30.45 -26.43 15.40
CA THR A 530 -29.46 -25.70 16.18
C THR A 530 -28.14 -25.56 15.42
N LEU A 531 -27.82 -26.52 14.55
CA LEU A 531 -26.57 -26.45 13.80
C LEU A 531 -26.68 -25.50 12.61
N MET A 532 -27.83 -25.48 11.94
CA MET A 532 -27.96 -24.70 10.71
C MET A 532 -28.27 -23.24 11.00
N THR A 533 -29.07 -22.96 12.03
CA THR A 533 -29.46 -21.59 12.36
C THR A 533 -28.25 -20.65 12.38
N PRO A 534 -27.27 -20.89 13.26
CA PRO A 534 -26.13 -19.96 13.32
C PRO A 534 -25.31 -19.92 12.04
N LEU A 535 -25.13 -21.07 11.38
CA LEU A 535 -24.39 -21.08 10.11
C LEU A 535 -25.11 -20.27 9.05
N THR A 536 -26.44 -20.35 9.01
CA THR A 536 -27.19 -19.55 8.06
C THR A 536 -27.08 -18.08 8.38
N SER A 537 -27.11 -17.71 9.67
CA SER A 537 -26.91 -16.32 10.03
C SER A 537 -25.55 -15.82 9.58
N LYS A 538 -24.52 -16.65 9.76
CA LYS A 538 -23.18 -16.29 9.28
C LYS A 538 -23.17 -16.11 7.77
N ALA A 539 -23.88 -16.98 7.05
CA ALA A 539 -23.96 -16.85 5.60
C ALA A 539 -24.60 -15.53 5.19
N LEU A 540 -25.70 -15.17 5.86
CA LEU A 540 -26.36 -13.90 5.58
C LEU A 540 -25.41 -12.74 5.83
N VAL A 541 -24.71 -12.75 6.96
CA VAL A 541 -23.78 -11.67 7.27
C VAL A 541 -22.70 -11.57 6.20
N ASP A 542 -22.15 -12.72 5.79
CA ASP A 542 -21.02 -12.69 4.87
C ASP A 542 -21.44 -12.33 3.45
N THR A 543 -22.69 -12.60 3.08
CA THR A 543 -23.15 -12.31 1.72
C THR A 543 -23.74 -10.92 1.57
N SER A 544 -24.19 -10.29 2.66
CA SER A 544 -24.86 -9.00 2.56
C SER A 544 -23.90 -7.87 2.20
N GLN A 545 -22.59 -8.07 2.36
CA GLN A 545 -21.61 -7.02 2.06
C GLN A 545 -21.59 -6.74 0.56
N PRO A 548 -21.14 -1.55 -1.57
CA PRO A 548 -20.91 -0.34 -2.37
C PRO A 548 -19.72 -0.48 -3.33
N PRO A 549 -19.63 0.38 -4.33
CA PRO A 549 -18.48 0.35 -5.23
C PRO A 549 -17.33 1.22 -4.74
N THR A 550 -16.13 0.88 -5.21
CA THR A 550 -14.92 1.58 -4.75
C THR A 550 -14.73 2.91 -5.48
N ARG A 551 -14.95 2.94 -6.80
CA ARG A 551 -14.64 4.09 -7.61
C ARG A 551 -15.87 4.51 -8.42
N LEU A 552 -16.19 5.80 -8.38
CA LEU A 552 -17.31 6.35 -9.13
C LEU A 552 -16.87 7.59 -9.87
N PHE A 553 -17.71 8.05 -10.81
CA PHE A 553 -17.41 9.19 -11.65
C PHE A 553 -18.63 10.09 -11.77
N ARG A 554 -18.47 11.36 -11.42
CA ARG A 554 -19.49 12.38 -11.62
C ARG A 554 -19.13 13.21 -12.84
N GLY A 555 -20.10 13.40 -13.74
CA GLY A 555 -19.90 14.23 -14.91
C GLY A 555 -20.37 15.66 -14.66
N LEU A 556 -19.56 16.61 -15.11
CA LEU A 556 -19.84 18.03 -14.96
C LEU A 556 -19.42 18.76 -16.21
N ASN A 557 -20.18 19.79 -16.56
CA ASN A 557 -19.94 20.63 -17.73
C ASN A 557 -19.77 22.06 -17.23
N LEU A 558 -18.58 22.36 -16.72
CA LEU A 558 -18.31 23.63 -16.06
C LEU A 558 -17.61 24.61 -17.00
N SER A 559 -17.73 25.90 -16.68
CA SER A 559 -17.04 26.95 -17.40
C SER A 559 -15.66 27.17 -16.78
N GLU A 560 -14.75 27.74 -17.59
CA GLU A 560 -13.35 27.84 -17.17
C GLU A 560 -13.20 28.59 -15.85
N GLU A 561 -14.07 29.56 -15.58
CA GLU A 561 -14.02 30.28 -14.31
C GLU A 561 -14.16 29.32 -13.13
N PHE A 562 -15.28 28.57 -13.12
CA PHE A 562 -15.51 27.61 -12.05
C PHE A 562 -14.36 26.62 -11.94
N THR A 563 -13.91 26.07 -13.07
CA THR A 563 -12.89 25.02 -13.04
C THR A 563 -11.57 25.55 -12.48
N LYS A 564 -11.19 26.77 -12.86
CA LYS A 564 -9.98 27.36 -12.30
C LYS A 564 -10.11 27.59 -10.80
N GLY A 565 -11.29 28.07 -10.37
CA GLY A 565 -11.53 28.20 -8.94
C GLY A 565 -11.39 26.88 -8.21
N LEU A 566 -11.92 25.81 -8.78
CA LEU A 566 -11.82 24.49 -8.17
C LEU A 566 -10.38 24.02 -8.13
N ILE A 567 -9.61 24.27 -9.19
CA ILE A 567 -8.20 23.89 -9.18
C ILE A 567 -7.48 24.59 -8.04
N ASP A 568 -7.71 25.89 -7.88
CA ASP A 568 -7.05 26.64 -6.82
C ASP A 568 -7.43 26.07 -5.44
N GLN A 569 -8.73 25.89 -5.19
CA GLN A 569 -9.17 25.37 -3.91
C GLN A 569 -8.59 23.97 -3.64
N ALA A 570 -8.68 23.08 -4.62
CA ALA A 570 -8.13 21.74 -4.46
C ALA A 570 -6.64 21.81 -4.16
N ASN A 571 -5.86 22.37 -5.08
CA ASN A 571 -4.42 22.54 -4.89
C ASN A 571 -4.10 23.05 -3.49
N ALA A 572 -4.93 23.96 -2.96
CA ALA A 572 -4.68 24.45 -1.61
C ALA A 572 -5.02 23.39 -0.56
N MET A 573 -5.98 22.52 -0.84
CA MET A 573 -6.34 21.48 0.12
C MET A 573 -5.34 20.34 0.14
N ILE A 574 -4.94 19.86 -1.05
CA ILE A 574 -3.97 18.77 -1.13
C ILE A 574 -2.61 19.20 -0.60
N ALA A 575 -2.28 20.49 -0.71
CA ALA A 575 -0.97 20.97 -0.31
C ALA A 575 -0.79 21.01 1.20
N ASN A 576 -1.89 21.07 1.96
CA ASN A 576 -1.83 21.17 3.41
C ASN A 576 -2.04 19.82 4.10
N THR A 577 -1.73 18.72 3.41
CA THR A 577 -1.81 17.39 4.01
C THR A 577 -0.61 16.59 3.52
N THR A 578 0.26 16.21 4.45
CA THR A 578 1.49 15.50 4.12
C THR A 578 1.70 14.36 5.09
N GLU A 579 2.27 13.26 4.59
CA GLU A 579 2.68 12.17 5.45
C GLU A 579 3.71 12.68 6.46
N ARG A 580 3.43 12.50 7.74
CA ARG A 580 4.30 12.98 8.80
C ARG A 580 5.25 11.87 9.24
N LEU A 581 6.51 12.24 9.46
CA LEU A 581 7.53 11.33 9.95
C LEU A 581 7.95 11.61 11.39
N PHE A 582 8.09 12.87 11.76
CA PHE A 582 8.54 13.26 13.08
C PHE A 582 7.60 14.24 13.76
N THR A 583 6.99 15.15 13.02
CA THR A 583 6.16 16.21 13.59
C THR A 583 4.68 15.86 13.46
N ASP A 584 3.86 16.69 14.10
CA ASP A 584 2.40 16.52 14.08
C ASP A 584 2.01 15.17 14.67
N ASN A 606 -27.01 14.51 -4.60
CA ASN A 606 -26.76 14.68 -6.03
C ASN A 606 -26.53 13.33 -6.70
N ALA A 607 -26.88 13.23 -7.98
CA ALA A 607 -26.82 11.94 -8.67
C ALA A 607 -26.76 12.18 -10.18
N SER A 608 -25.53 12.24 -10.70
CA SER A 608 -25.25 12.14 -12.12
C SER A 608 -24.04 11.26 -12.34
N THR A 609 -23.92 10.21 -11.52
CA THR A 609 -22.70 9.45 -11.33
C THR A 609 -22.82 8.09 -12.01
N THR A 610 -21.65 7.51 -12.30
CA THR A 610 -21.58 6.23 -13.00
C THR A 610 -20.37 5.46 -12.49
N THR A 611 -20.04 4.38 -13.20
CA THR A 611 -18.80 3.64 -12.98
C THR A 611 -18.04 3.37 -14.26
N GLU A 612 -18.66 3.55 -15.43
CA GLU A 612 -17.99 3.37 -16.71
C GLU A 612 -17.36 4.68 -17.14
N ILE A 613 -16.06 4.64 -17.46
CA ILE A 613 -15.35 5.87 -17.82
C ILE A 613 -15.76 6.33 -19.22
N LYS A 614 -16.00 5.39 -20.13
CA LYS A 614 -16.45 5.75 -21.47
C LYS A 614 -17.77 6.50 -21.44
N LEU A 615 -18.52 6.37 -20.35
CA LEU A 615 -19.80 7.06 -20.22
C LEU A 615 -19.61 8.53 -19.89
N VAL A 616 -18.70 8.86 -18.97
CA VAL A 616 -18.49 10.24 -18.57
C VAL A 616 -17.55 10.95 -19.54
N LYS A 617 -16.67 10.21 -20.20
CA LYS A 617 -15.67 10.80 -21.09
C LYS A 617 -16.17 10.94 -22.52
N GLU A 618 -16.72 9.86 -23.08
CA GLU A 618 -17.11 9.82 -24.48
C GLU A 618 -18.59 10.09 -24.69
N THR A 619 -19.46 9.33 -24.01
CA THR A 619 -20.90 9.54 -24.15
C THR A 619 -21.29 10.94 -23.71
N TRP A 620 -20.86 11.35 -22.51
CA TRP A 620 -21.22 12.65 -21.96
C TRP A 620 -20.29 13.76 -22.42
N ASP A 621 -19.00 13.47 -22.58
CA ASP A 621 -18.02 14.48 -22.99
C ASP A 621 -17.97 15.62 -21.96
N SER A 622 -17.72 15.23 -20.72
CA SER A 622 -17.75 16.17 -19.60
C SER A 622 -16.47 16.98 -19.53
N ASN A 623 -16.62 18.27 -19.25
CA ASN A 623 -15.46 19.13 -19.02
C ASN A 623 -14.77 18.83 -17.70
N VAL A 624 -15.47 18.23 -16.74
CA VAL A 624 -14.94 18.01 -15.40
C VAL A 624 -15.50 16.70 -14.86
N ILE A 625 -14.60 15.82 -14.44
CA ILE A 625 -14.99 14.54 -13.83
C ILE A 625 -14.59 14.59 -12.36
N PHE A 626 -15.55 14.30 -11.49
CA PHE A 626 -15.26 14.05 -10.08
C PHE A 626 -15.07 12.55 -9.91
N GLU A 627 -13.81 12.12 -9.79
CA GLU A 627 -13.51 10.73 -9.48
C GLU A 627 -13.59 10.54 -7.98
N MET A 628 -14.60 9.81 -7.53
CA MET A 628 -14.86 9.62 -6.10
C MET A 628 -14.40 8.22 -5.69
N LEU A 629 -13.43 8.17 -4.79
CA LEU A 629 -12.91 6.91 -4.27
C LEU A 629 -13.60 6.60 -2.94
N ASP A 630 -14.18 5.41 -2.84
CA ASP A 630 -14.95 4.99 -1.66
C ASP A 630 -14.46 3.62 -1.22
N PRO A 631 -13.23 3.53 -0.70
CA PRO A 631 -12.69 2.22 -0.30
C PRO A 631 -13.13 1.78 1.09
N ASP A 632 -13.72 2.66 1.89
CA ASP A 632 -14.25 2.32 3.20
C ASP A 632 -15.77 2.22 3.21
N GLY A 633 -16.42 2.40 2.05
CA GLY A 633 -17.86 2.26 1.96
C GLY A 633 -18.63 3.26 2.80
N LEU A 634 -18.59 4.54 2.38
CA LEU A 634 -19.33 5.59 3.06
C LEU A 634 -20.35 6.28 2.15
N LEU A 635 -20.37 5.99 0.86
CA LEU A 635 -21.25 6.65 -0.09
C LEU A 635 -22.44 5.76 -0.40
N HIS A 636 -23.64 6.28 -0.22
CA HIS A 636 -24.86 5.53 -0.49
C HIS A 636 -25.42 5.92 -1.86
N GLU A 650 -25.92 4.24 -15.52
CA GLU A 650 -25.91 5.33 -14.56
C GLU A 650 -26.28 4.82 -13.17
N PHE A 651 -26.16 5.69 -12.16
CA PHE A 651 -26.44 5.34 -10.78
C PHE A 651 -26.67 6.62 -10.00
N SER A 652 -26.80 6.50 -8.68
CA SER A 652 -27.03 7.63 -7.80
C SER A 652 -26.04 7.59 -6.64
N VAL A 653 -25.95 8.70 -5.92
CA VAL A 653 -25.00 8.86 -4.82
C VAL A 653 -25.62 9.77 -3.77
N TYR A 654 -25.21 9.56 -2.53
CA TYR A 654 -25.64 10.40 -1.41
C TYR A 654 -24.52 10.50 -0.39
N LEU A 655 -24.24 11.72 0.05
CA LEU A 655 -23.18 11.97 1.02
C LEU A 655 -23.78 12.24 2.39
N PRO A 656 -23.64 11.35 3.37
CA PRO A 656 -24.15 11.64 4.71
C PRO A 656 -23.59 12.93 5.28
N GLU A 657 -24.21 13.38 6.37
CA GLU A 657 -23.85 14.67 6.94
C GLU A 657 -22.39 14.73 7.35
N ASP A 658 -21.87 13.66 7.95
CA ASP A 658 -20.51 13.62 8.45
C ASP A 658 -19.60 12.74 7.58
N VAL A 659 -19.90 12.65 6.29
CA VAL A 659 -19.05 11.99 5.31
C VAL A 659 -18.74 13.02 4.23
N ALA A 660 -17.46 13.30 4.03
CA ALA A 660 -17.03 14.36 3.13
C ALA A 660 -16.02 13.81 2.12
N LEU A 661 -15.95 14.47 0.97
CA LEU A 661 -14.97 14.15 -0.06
C LEU A 661 -13.81 15.11 0.05
N VAL A 662 -12.61 14.57 0.14
CA VAL A 662 -11.38 15.36 0.28
C VAL A 662 -10.60 15.23 -1.02
N PRO A 663 -10.26 16.34 -1.69
CA PRO A 663 -9.48 16.23 -2.93
C PRO A 663 -8.13 15.58 -2.67
N VAL A 664 -7.66 14.84 -3.68
CA VAL A 664 -6.41 14.08 -3.56
C VAL A 664 -5.50 14.38 -4.74
N LYS A 665 -6.08 14.69 -5.89
CA LYS A 665 -5.29 14.87 -7.11
C LYS A 665 -6.13 15.60 -8.15
N VAL A 666 -5.43 16.31 -9.05
CA VAL A 666 -6.05 17.03 -10.15
C VAL A 666 -5.30 16.69 -11.42
N THR A 667 -6.02 16.26 -12.44
CA THR A 667 -5.42 15.78 -13.68
C THR A 667 -6.01 16.53 -14.87
N LEU A 668 -5.27 16.51 -15.97
CA LEU A 668 -5.63 17.22 -17.19
C LEU A 668 -5.67 16.23 -18.36
N ASP A 669 -6.83 16.13 -19.02
CA ASP A 669 -6.96 15.42 -20.29
C ASP A 669 -7.54 16.40 -21.30
N GLY A 670 -6.76 16.73 -22.33
CA GLY A 670 -7.17 17.76 -23.26
C GLY A 670 -8.07 17.31 -24.40
N LYS A 671 -8.67 16.11 -24.31
CA LYS A 671 -9.36 15.54 -25.45
C LYS A 671 -10.87 15.42 -25.24
N THR A 672 -11.56 16.54 -25.05
CA THR A 672 -13.00 16.58 -25.19
C THR A 672 -13.33 16.92 -26.64
N GLN A 673 -14.24 16.16 -27.24
CA GLN A 673 -14.61 16.41 -28.63
C GLN A 673 -15.05 17.86 -28.85
N LYS A 674 -15.49 18.54 -27.79
CA LYS A 674 -15.83 19.96 -27.93
C LYS A 674 -14.60 20.78 -28.32
N GLY A 675 -13.44 20.45 -27.76
CA GLY A 675 -12.20 21.10 -28.15
C GLY A 675 -11.39 21.69 -27.01
N GLU A 676 -11.94 21.67 -25.80
CA GLU A 676 -11.27 22.26 -24.64
C GLU A 676 -10.79 21.19 -23.68
N ASN A 677 -10.06 21.63 -22.66
CA ASN A 677 -9.46 20.71 -21.69
C ASN A 677 -10.51 20.23 -20.69
N ARG A 678 -10.38 18.98 -20.27
CA ARG A 678 -11.15 18.45 -19.16
C ARG A 678 -10.24 18.19 -17.97
N TYR A 679 -10.79 18.37 -16.78
CA TYR A 679 -10.05 18.22 -15.54
C TYR A 679 -10.68 17.12 -14.69
N VAL A 680 -9.84 16.26 -14.14
CA VAL A 680 -10.28 15.14 -13.32
C VAL A 680 -9.88 15.45 -11.88
N PHE A 681 -10.87 15.70 -11.03
CA PHE A 681 -10.66 15.95 -9.61
C PHE A 681 -10.90 14.64 -8.87
N THR A 682 -9.84 14.03 -8.35
CA THR A 682 -9.98 12.80 -7.60
C THR A 682 -10.33 13.13 -6.15
N PHE A 683 -11.06 12.20 -5.52
CA PHE A 683 -11.56 12.41 -4.16
C PHE A 683 -11.51 11.09 -3.39
N VAL A 684 -11.59 11.23 -2.06
CA VAL A 684 -11.73 10.09 -1.16
C VAL A 684 -12.77 10.45 -0.11
N ALA A 685 -13.57 9.46 0.28
CA ALA A 685 -14.60 9.67 1.28
C ALA A 685 -14.06 9.30 2.66
N VAL A 686 -14.30 10.18 3.64
CA VAL A 686 -13.84 9.98 5.00
C VAL A 686 -14.93 10.43 5.95
N LYS A 687 -15.11 9.69 7.04
CA LYS A 687 -16.12 9.99 8.04
C LYS A 687 -15.46 10.66 9.24
N SER A 688 -15.88 11.89 9.54
CA SER A 688 -15.35 12.63 10.67
C SER A 688 -16.12 13.95 10.84
N PRO A 689 -16.61 14.27 12.05
CA PRO A 689 -17.30 15.55 12.20
C PRO A 689 -16.35 16.74 12.30
#